data_6HUZ
#
_entry.id   6HUZ
#
_cell.length_a   65.200
_cell.length_b   132.020
_cell.length_c   49.160
_cell.angle_alpha   90.00
_cell.angle_beta   90.00
_cell.angle_gamma   90.00
#
_symmetry.space_group_name_H-M   'P 21 21 2'
#
loop_
_entity.id
_entity.type
_entity.pdbx_description
1 polymer 'Coenzyme F420-dependent N(5),N(10)-methenyltetrahydromethanopterin reductase-related protein'
2 non-polymer 'iron-guanylyl pyridinol cofactor'
3 non-polymer 5,10-Methenyltetrahydrofolate
4 non-polymer GLYCEROL
5 non-polymer 1,2-ETHANEDIOL
6 non-polymer 'SODIUM ION'
7 water water
#
_entity_poly.entity_id   1
_entity_poly.type   'polypeptide(L)'
_entity_poly.pdbx_seq_one_letter_code
;MRVTVYGFGSLNYYSNKLNVPEKLGGEPPYGGSAMAVEFAKAGHDVTLSDPNIDKVPDEIRKKVEDAGVKLTTDDIEAAK
EAEVAILFTPFRGGVTFKIAETILPYLVENAVICTTCTMSILVLNSYLQNAIFLEGREDIGFSTMHPAAIPGTPQHKHYL
IATNELLRKPIVTEEQIEKLKKLATDTGKEAYLLPAELVSPVGDMGIVTTAIAFAGAIEYYKVSRDILKTKRSMTEFQIA
QSLQVISSLVTKYGLEGLIKLLNVDAMKASLQSMILDKNEQPLTVTASKLLEKIEETIPELIKEAENFSPSEPTYTSAPS
PMLVEHMEDLVGDDVLKGILRESWKKFYENVSERNKEKLAAALEHHHHHH
;
_entity_poly.pdbx_strand_id   A
#
loop_
_chem_comp.id
_chem_comp.type
_chem_comp.name
_chem_comp.formula
EDO non-polymer 1,2-ETHANEDIOL 'C2 H6 O2'
FE9 non-polymer 'iron-guanylyl pyridinol cofactor' 'C21 H23 Fe N6 O13 P S 4'
GOL non-polymer GLYCEROL 'C3 H8 O3'
GUE non-polymer 5,10-Methenyltetrahydrofolate 'C20 H22 N7 O6 1'
NA non-polymer 'SODIUM ION' 'Na 1'
#
# COMPACT_ATOMS: atom_id res chain seq x y z
N MET A 1 0.51 24.09 12.03
CA MET A 1 1.43 23.11 12.63
C MET A 1 2.71 23.00 11.78
N ARG A 2 3.80 22.46 12.35
CA ARG A 2 5.06 22.32 11.64
C ARG A 2 5.10 20.93 10.98
N VAL A 3 5.12 20.89 9.64
CA VAL A 3 5.13 19.61 8.89
C VAL A 3 6.36 19.58 7.99
N THR A 4 7.05 18.44 7.95
CA THR A 4 8.20 18.25 7.08
C THR A 4 7.83 17.10 6.15
N VAL A 5 7.93 17.33 4.84
CA VAL A 5 7.67 16.31 3.83
C VAL A 5 9.04 15.93 3.38
N TYR A 6 9.33 14.65 3.37
CA TYR A 6 10.63 14.15 2.96
C TYR A 6 10.48 13.56 1.58
N GLY A 7 11.11 14.18 0.58
CA GLY A 7 11.04 13.72 -0.81
C GLY A 7 10.24 14.63 -1.71
N PHE A 8 10.84 15.11 -2.81
CA PHE A 8 10.14 16.02 -3.72
C PHE A 8 9.10 15.29 -4.58
N GLY A 9 9.49 14.11 -5.04
CA GLY A 9 8.71 13.25 -5.93
C GLY A 9 9.52 13.21 -7.21
N SER A 10 9.55 12.08 -7.94
CA SER A 10 10.35 12.01 -9.16
C SER A 10 9.80 12.76 -10.37
N LEU A 11 10.39 13.88 -10.72
CA LEU A 11 9.95 14.66 -11.88
C LEU A 11 9.92 13.81 -13.18
N ASN A 12 10.98 13.05 -13.44
CA ASN A 12 11.01 12.21 -14.65
C ASN A 12 9.98 11.12 -14.65
N TYR A 13 9.73 10.49 -13.51
CA TYR A 13 8.76 9.41 -13.54
C TYR A 13 7.37 9.92 -13.86
N TYR A 14 6.93 11.00 -13.20
CA TYR A 14 5.60 11.55 -13.42
C TYR A 14 5.41 12.32 -14.73
N SER A 15 6.48 12.61 -15.47
CA SER A 15 6.37 13.32 -16.74
CA SER A 15 6.35 13.32 -16.74
C SER A 15 6.67 12.43 -17.95
N ASN A 16 7.75 11.66 -17.89
CA ASN A 16 8.12 10.85 -19.05
C ASN A 16 7.79 9.38 -19.03
N LYS A 17 7.94 8.73 -17.89
CA LYS A 17 7.69 7.31 -17.75
C LYS A 17 6.20 7.09 -17.70
N LEU A 18 5.53 7.74 -16.74
CA LEU A 18 4.08 7.71 -16.61
C LEU A 18 3.67 9.15 -16.97
N ASN A 19 3.00 9.29 -18.10
CA ASN A 19 2.52 10.57 -18.58
C ASN A 19 1.32 10.98 -17.69
N VAL A 20 1.57 11.42 -16.45
CA VAL A 20 0.52 11.80 -15.48
C VAL A 20 -0.41 12.95 -15.98
N PRO A 21 0.07 14.02 -16.62
CA PRO A 21 -0.89 15.05 -17.09
C PRO A 21 -1.93 14.47 -18.07
N GLU A 22 -1.50 13.52 -18.91
CA GLU A 22 -2.38 12.88 -19.90
C GLU A 22 -3.30 11.80 -19.32
N LYS A 23 -2.72 10.87 -18.54
CA LYS A 23 -3.44 9.75 -17.96
C LYS A 23 -4.34 10.11 -16.80
N LEU A 24 -3.94 11.07 -15.97
CA LEU A 24 -4.75 11.43 -14.82
C LEU A 24 -5.18 12.89 -14.77
N GLY A 25 -4.24 13.82 -14.96
CA GLY A 25 -4.55 15.25 -14.95
C GLY A 25 -3.59 16.12 -14.16
N GLY A 26 -3.93 17.39 -14.04
CA GLY A 26 -3.12 18.36 -13.31
C GLY A 26 -1.81 18.67 -14.01
N GLU A 27 -0.87 19.32 -13.30
CA GLU A 27 0.44 19.69 -13.83
C GLU A 27 1.51 19.44 -12.83
N PRO A 28 2.78 19.24 -13.28
CA PRO A 28 3.86 19.08 -12.30
C PRO A 28 3.97 20.36 -11.49
N PRO A 29 4.54 20.29 -10.27
CA PRO A 29 5.15 19.13 -9.62
C PRO A 29 4.15 18.22 -8.92
N TYR A 30 4.38 16.92 -9.03
CA TYR A 30 3.54 15.88 -8.44
C TYR A 30 4.28 15.24 -7.28
N GLY A 31 3.52 14.60 -6.40
CA GLY A 31 4.08 13.90 -5.25
C GLY A 31 4.25 14.72 -3.98
N GLY A 32 5.34 14.51 -3.28
CA GLY A 32 5.64 15.18 -2.02
C GLY A 32 5.58 16.69 -2.13
N SER A 33 6.12 17.20 -3.25
CA SER A 33 6.13 18.63 -3.56
C SER A 33 4.71 19.19 -3.56
N ALA A 34 3.78 18.49 -4.24
CA ALA A 34 2.37 18.93 -4.33
C ALA A 34 1.73 18.94 -2.94
N MET A 35 2.00 17.89 -2.14
CA MET A 35 1.49 17.74 -0.77
C MET A 35 1.97 18.94 0.04
N ALA A 36 3.24 19.23 -0.02
CA ALA A 36 3.85 20.38 0.70
C ALA A 36 3.18 21.70 0.32
N VAL A 37 3.02 21.96 -0.97
CA VAL A 37 2.37 23.18 -1.45
C VAL A 37 0.96 23.28 -0.86
N GLU A 38 0.20 22.17 -0.87
CA GLU A 38 -1.15 22.19 -0.32
C GLU A 38 -1.17 22.50 1.17
N PHE A 39 -0.26 21.90 1.95
CA PHE A 39 -0.22 22.13 3.41
C PHE A 39 0.19 23.60 3.66
N ALA A 40 1.11 24.12 2.84
CA ALA A 40 1.58 25.49 2.94
C ALA A 40 0.43 26.45 2.59
N LYS A 41 -0.37 26.12 1.56
CA LYS A 41 -1.49 26.98 1.18
C LYS A 41 -2.54 27.03 2.30
N ALA A 42 -2.73 25.90 3.02
CA ALA A 42 -3.67 25.81 4.13
C ALA A 42 -3.20 26.68 5.32
N GLY A 43 -1.93 27.08 5.31
CA GLY A 43 -1.38 27.95 6.35
C GLY A 43 -0.45 27.25 7.34
N HIS A 44 -0.02 26.00 7.02
CA HIS A 44 0.89 25.25 7.87
C HIS A 44 2.30 25.75 7.61
N ASP A 45 3.21 25.49 8.55
CA ASP A 45 4.60 25.89 8.42
C ASP A 45 5.28 24.65 7.85
N VAL A 46 5.46 24.67 6.54
CA VAL A 46 5.98 23.53 5.79
C VAL A 46 7.42 23.59 5.30
N THR A 47 8.12 22.49 5.49
CA THR A 47 9.48 22.28 5.06
C THR A 47 9.50 21.05 4.18
N LEU A 48 10.25 21.10 3.08
CA LEU A 48 10.40 19.96 2.19
C LEU A 48 11.89 19.71 2.09
N SER A 49 12.30 18.55 2.55
CA SER A 49 13.69 18.15 2.54
C SER A 49 13.90 17.11 1.46
N ASP A 50 14.90 17.32 0.62
CA ASP A 50 15.23 16.38 -0.45
C ASP A 50 16.68 16.64 -0.84
N PRO A 51 17.52 15.61 -0.93
CA PRO A 51 18.92 15.85 -1.30
C PRO A 51 19.15 16.39 -2.70
N ASN A 52 18.19 16.22 -3.61
CA ASN A 52 18.34 16.64 -4.99
C ASN A 52 17.55 17.89 -5.38
N ILE A 53 17.24 18.77 -4.42
CA ILE A 53 16.53 20.01 -4.71
C ILE A 53 17.20 20.83 -5.84
N ASP A 54 18.52 20.82 -5.94
CA ASP A 54 19.20 21.57 -7.01
C ASP A 54 18.95 21.03 -8.43
N LYS A 55 18.41 19.80 -8.57
CA LYS A 55 18.11 19.23 -9.87
C LYS A 55 16.70 19.68 -10.34
N VAL A 56 15.88 20.22 -9.42
CA VAL A 56 14.53 20.67 -9.75
C VAL A 56 14.65 21.95 -10.59
N PRO A 57 13.99 22.05 -11.75
CA PRO A 57 14.07 23.30 -12.53
C PRO A 57 13.71 24.55 -11.70
N ASP A 58 14.29 25.70 -12.03
CA ASP A 58 14.03 26.92 -11.27
C ASP A 58 12.56 27.36 -11.25
N GLU A 59 11.86 27.26 -12.37
CA GLU A 59 10.45 27.64 -12.48
C GLU A 59 9.57 26.80 -11.53
N ILE A 60 9.83 25.50 -11.45
CA ILE A 60 9.07 24.61 -10.58
C ILE A 60 9.47 24.89 -9.15
N ARG A 61 10.76 25.06 -8.88
CA ARG A 61 11.21 25.37 -7.52
C ARG A 61 10.57 26.66 -7.01
N LYS A 62 10.57 27.72 -7.86
CA LYS A 62 10.00 29.03 -7.53
C LYS A 62 8.52 28.90 -7.18
N LYS A 63 7.79 28.08 -7.94
CA LYS A 63 6.35 27.86 -7.71
C LYS A 63 6.13 27.24 -6.31
N VAL A 64 6.99 26.30 -5.92
CA VAL A 64 6.91 25.63 -4.63
C VAL A 64 7.24 26.64 -3.52
N GLU A 65 8.37 27.38 -3.65
CA GLU A 65 8.78 28.37 -2.64
C GLU A 65 7.74 29.48 -2.49
N ASP A 66 7.13 29.93 -3.59
CA ASP A 66 6.10 30.99 -3.55
C ASP A 66 4.90 30.63 -2.67
N ALA A 67 4.59 29.32 -2.55
CA ALA A 67 3.47 28.87 -1.72
C ALA A 67 3.80 28.94 -0.23
N GLY A 68 5.07 29.17 0.12
CA GLY A 68 5.51 29.25 1.50
C GLY A 68 6.34 28.07 1.97
N VAL A 69 6.58 27.07 1.08
CA VAL A 69 7.36 25.87 1.42
C VAL A 69 8.84 26.20 1.56
N LYS A 70 9.45 25.76 2.65
CA LYS A 70 10.87 25.98 2.89
C LYS A 70 11.60 24.80 2.29
N LEU A 71 12.47 25.01 1.30
CA LEU A 71 13.19 23.87 0.71
C LEU A 71 14.55 23.70 1.35
N THR A 72 14.98 22.44 1.56
CA THR A 72 16.29 22.11 2.13
C THR A 72 16.77 20.71 1.70
N THR A 73 18.09 20.44 1.86
CA THR A 73 18.70 19.13 1.53
C THR A 73 19.12 18.44 2.84
N ASP A 74 18.98 19.11 3.99
CA ASP A 74 19.37 18.61 5.31
C ASP A 74 18.17 17.98 6.02
N ASP A 75 18.14 16.65 6.04
CA ASP A 75 17.07 15.87 6.66
C ASP A 75 17.05 16.03 8.16
N ILE A 76 18.23 16.07 8.79
CA ILE A 76 18.32 16.23 10.25
C ILE A 76 17.81 17.61 10.67
N GLU A 77 18.25 18.65 9.97
CA GLU A 77 17.80 19.99 10.34
C GLU A 77 16.32 20.14 10.08
N ALA A 78 15.81 19.50 9.01
CA ALA A 78 14.40 19.55 8.65
C ALA A 78 13.51 18.90 9.71
N ALA A 79 14.06 17.99 10.52
CA ALA A 79 13.29 17.28 11.56
C ALA A 79 13.11 18.08 12.86
N LYS A 80 14.07 18.94 13.19
CA LYS A 80 14.14 19.74 14.41
C LYS A 80 12.82 20.33 14.94
N GLU A 81 11.95 20.93 14.11
CA GLU A 81 10.69 21.45 14.69
C GLU A 81 9.45 20.68 14.14
N ALA A 82 9.69 19.58 13.43
CA ALA A 82 8.64 18.81 12.81
C ALA A 82 7.68 18.06 13.78
N GLU A 83 6.38 18.40 13.73
CA GLU A 83 5.34 17.74 14.54
C GLU A 83 4.86 16.53 13.74
N VAL A 84 4.93 16.64 12.40
CA VAL A 84 4.53 15.57 11.48
C VAL A 84 5.68 15.44 10.46
N ALA A 85 6.19 14.23 10.27
CA ALA A 85 7.25 13.95 9.31
C ALA A 85 6.64 12.95 8.32
N ILE A 86 6.49 13.36 7.05
CA ILE A 86 5.89 12.52 6.03
C ILE A 86 6.97 11.98 5.11
N LEU A 87 7.06 10.64 4.99
CA LEU A 87 8.08 10.03 4.16
C LEU A 87 7.63 9.72 2.74
N PHE A 88 7.83 10.68 1.80
CA PHE A 88 7.51 10.50 0.37
C PHE A 88 8.88 10.06 -0.18
N THR A 89 9.41 8.95 0.35
CA THR A 89 10.75 8.46 0.04
C THR A 89 10.78 7.28 -0.93
N PRO A 90 11.95 6.98 -1.52
CA PRO A 90 12.01 5.90 -2.53
C PRO A 90 11.50 4.50 -2.20
N PHE A 91 11.07 3.79 -3.25
CA PHE A 91 10.65 2.39 -3.13
C PHE A 91 11.97 1.63 -2.82
N ARG A 92 13.07 2.13 -3.44
CA ARG A 92 14.46 1.65 -3.32
C ARG A 92 14.78 1.17 -1.93
N GLY A 93 15.50 0.07 -1.85
CA GLY A 93 15.89 -0.53 -0.58
C GLY A 93 16.67 0.36 0.37
N GLY A 94 16.29 0.27 1.65
CA GLY A 94 16.91 0.98 2.76
C GLY A 94 16.90 2.49 2.83
N VAL A 95 16.43 3.21 1.80
CA VAL A 95 16.43 4.67 1.84
C VAL A 95 15.46 5.23 2.93
N THR A 96 14.22 4.69 2.99
CA THR A 96 13.20 5.10 3.96
C THR A 96 13.68 4.77 5.39
N PHE A 97 14.25 3.57 5.60
CA PHE A 97 14.76 3.17 6.91
C PHE A 97 15.85 4.13 7.38
N LYS A 98 16.78 4.44 6.47
CA LYS A 98 17.88 5.33 6.79
C LYS A 98 17.37 6.69 7.28
N ILE A 99 16.49 7.33 6.48
CA ILE A 99 15.95 8.64 6.83
C ILE A 99 15.23 8.61 8.17
N ALA A 100 14.33 7.63 8.37
CA ALA A 100 13.57 7.51 9.62
C ALA A 100 14.49 7.32 10.84
N GLU A 101 15.54 6.51 10.71
CA GLU A 101 16.44 6.27 11.82
C GLU A 101 17.27 7.51 12.14
N THR A 102 17.65 8.26 11.09
CA THR A 102 18.46 9.47 11.23
C THR A 102 17.72 10.63 11.87
N ILE A 103 16.43 10.85 11.51
CA ILE A 103 15.64 11.97 12.07
C ILE A 103 15.01 11.65 13.42
N LEU A 104 14.88 10.38 13.76
CA LEU A 104 14.27 9.94 15.01
C LEU A 104 14.73 10.70 16.30
N PRO A 105 16.02 10.96 16.53
CA PRO A 105 16.40 11.69 17.76
C PRO A 105 16.12 13.18 17.76
N TYR A 106 15.81 13.76 16.60
CA TYR A 106 15.59 15.21 16.45
C TYR A 106 14.14 15.66 16.40
N LEU A 107 13.18 14.77 16.13
CA LEU A 107 11.76 15.16 16.05
C LEU A 107 11.30 15.71 17.38
N VAL A 108 10.34 16.64 17.37
CA VAL A 108 9.84 17.23 18.61
C VAL A 108 9.11 16.21 19.44
N GLU A 109 9.00 16.45 20.75
CA GLU A 109 8.28 15.50 21.59
C GLU A 109 6.86 15.27 21.04
N ASN A 110 6.39 14.00 21.03
CA ASN A 110 5.08 13.55 20.55
C ASN A 110 4.92 13.70 19.03
N ALA A 111 6.02 13.82 18.26
CA ALA A 111 5.92 13.93 16.80
C ALA A 111 5.37 12.59 16.24
N VAL A 112 4.81 12.59 15.02
CA VAL A 112 4.32 11.36 14.38
C VAL A 112 5.05 11.21 13.04
N ILE A 113 5.56 10.00 12.74
CA ILE A 113 6.26 9.70 11.49
C ILE A 113 5.21 9.00 10.62
N CYS A 114 5.04 9.46 9.35
CA CYS A 114 4.07 8.89 8.42
C CYS A 114 4.71 8.33 7.22
N THR A 115 4.29 7.11 6.78
CA THR A 115 4.84 6.58 5.55
C THR A 115 3.80 6.86 4.47
N THR A 116 4.18 6.67 3.23
CA THR A 116 3.29 6.86 2.08
C THR A 116 3.20 5.45 1.38
N CYS A 117 2.88 5.38 0.09
CA CYS A 117 2.76 4.10 -0.62
C CYS A 117 4.04 3.28 -0.70
N THR A 118 5.22 3.88 -0.49
CA THR A 118 6.48 3.13 -0.61
C THR A 118 6.95 2.34 0.62
N MET A 119 6.24 2.39 1.74
CA MET A 119 6.71 1.66 2.93
C MET A 119 5.57 1.37 3.85
N SER A 120 5.40 0.09 4.28
CA SER A 120 4.34 -0.22 5.23
C SER A 120 4.73 0.41 6.57
N ILE A 121 3.75 1.06 7.24
CA ILE A 121 4.04 1.68 8.53
C ILE A 121 4.41 0.64 9.58
N LEU A 122 3.82 -0.58 9.45
CA LEU A 122 4.07 -1.67 10.38
C LEU A 122 5.48 -2.19 10.20
N VAL A 123 5.96 -2.28 8.96
CA VAL A 123 7.34 -2.71 8.71
C VAL A 123 8.28 -1.68 9.30
N LEU A 124 8.06 -0.39 9.00
CA LEU A 124 8.91 0.66 9.54
C LEU A 124 8.91 0.70 11.06
N ASN A 125 7.74 0.64 11.67
CA ASN A 125 7.62 0.68 13.15
C ASN A 125 8.41 -0.48 13.79
N SER A 126 8.31 -1.68 13.19
CA SER A 126 9.01 -2.89 13.67
CA SER A 126 9.02 -2.86 13.70
C SER A 126 10.52 -2.70 13.56
N TYR A 127 10.98 -2.23 12.40
CA TYR A 127 12.40 -2.00 12.16
C TYR A 127 13.00 -1.02 13.19
N LEU A 128 12.24 -0.01 13.59
CA LEU A 128 12.77 0.99 14.53
C LEU A 128 12.69 0.66 16.02
N GLN A 129 12.24 -0.53 16.43
CA GLN A 129 12.13 -0.81 17.86
C GLN A 129 13.41 -0.63 18.68
N ASN A 130 14.57 -1.13 18.25
CA ASN A 130 15.75 -0.93 19.07
C ASN A 130 16.20 0.55 19.11
N ALA A 131 16.01 1.26 17.99
CA ALA A 131 16.38 2.69 17.93
C ALA A 131 15.50 3.47 18.91
N ILE A 132 14.21 3.14 18.98
CA ILE A 132 13.27 3.81 19.90
C ILE A 132 13.74 3.52 21.32
N PHE A 133 14.01 2.24 21.68
CA PHE A 133 14.49 1.95 23.04
C PHE A 133 15.75 2.77 23.37
N LEU A 134 16.76 2.75 22.48
CA LEU A 134 18.01 3.47 22.69
C LEU A 134 17.90 4.98 22.79
N GLU A 135 17.06 5.60 21.95
CA GLU A 135 16.92 7.07 21.97
C GLU A 135 15.80 7.55 22.88
N GLY A 136 15.13 6.63 23.59
CA GLY A 136 14.04 6.96 24.51
C GLY A 136 12.89 7.70 23.83
N ARG A 137 12.59 7.33 22.56
CA ARG A 137 11.54 7.95 21.74
C ARG A 137 10.20 7.18 21.72
N GLU A 138 9.77 6.67 22.87
CA GLU A 138 8.51 5.94 22.97
C GLU A 138 7.32 6.87 22.78
N ASP A 139 7.58 8.19 22.72
CA ASP A 139 6.55 9.19 22.52
C ASP A 139 6.25 9.35 21.04
N ILE A 140 7.18 8.95 20.18
CA ILE A 140 6.96 9.10 18.74
C ILE A 140 5.87 8.17 18.24
N GLY A 141 4.96 8.76 17.45
CA GLY A 141 3.86 8.05 16.86
C GLY A 141 4.14 7.60 15.43
N PHE A 142 3.47 6.53 15.00
CA PHE A 142 3.64 5.98 13.66
C PHE A 142 2.31 5.82 12.98
N SER A 143 2.16 6.41 11.81
CA SER A 143 0.90 6.33 11.05
C SER A 143 1.21 6.56 9.59
N THR A 144 0.23 7.02 8.80
CA THR A 144 0.43 7.23 7.36
C THR A 144 -0.31 8.43 6.84
N MET A 145 0.14 8.93 5.69
CA MET A 145 -0.52 10.01 4.97
C MET A 145 -0.45 9.48 3.55
N HIS A 146 -1.09 8.30 3.34
CA HIS A 146 -1.09 7.62 2.06
C HIS A 146 -2.08 8.32 1.12
N PRO A 147 -1.56 8.95 0.05
CA PRO A 147 -2.43 9.67 -0.90
C PRO A 147 -3.37 8.78 -1.70
N ALA A 148 -3.01 7.49 -1.91
CA ALA A 148 -3.79 6.48 -2.67
C ALA A 148 -4.21 7.18 -3.97
N ALA A 149 -3.22 7.88 -4.53
CA ALA A 149 -3.36 8.71 -5.73
C ALA A 149 -2.04 9.46 -5.85
N ILE A 150 -1.83 10.19 -6.96
CA ILE A 150 -0.62 10.96 -7.12
C ILE A 150 -0.94 12.41 -6.72
N PRO A 151 -0.42 12.94 -5.60
CA PRO A 151 -0.72 14.34 -5.24
C PRO A 151 -0.40 15.28 -6.39
N GLY A 152 -1.37 16.14 -6.72
CA GLY A 152 -1.26 17.10 -7.83
C GLY A 152 -2.21 16.77 -8.97
N THR A 153 -2.79 15.57 -8.93
CA THR A 153 -3.76 15.14 -9.92
C THR A 153 -5.17 15.42 -9.34
N PRO A 154 -6.19 15.65 -10.17
CA PRO A 154 -7.54 15.89 -9.61
C PRO A 154 -8.08 14.70 -8.81
N GLN A 155 -7.56 13.46 -9.05
CA GLN A 155 -8.02 12.26 -8.34
C GLN A 155 -7.59 12.29 -6.88
N HIS A 156 -6.49 13.00 -6.55
CA HIS A 156 -6.05 13.03 -5.16
C HIS A 156 -7.00 13.91 -4.34
N LYS A 157 -8.01 13.28 -3.68
CA LYS A 157 -8.97 14.04 -2.88
C LYS A 157 -9.07 13.45 -1.52
N HIS A 158 -8.04 12.78 -1.04
CA HIS A 158 -8.17 12.12 0.26
C HIS A 158 -6.83 11.63 0.71
N TYR A 159 -6.78 11.11 1.92
CA TYR A 159 -5.59 10.48 2.48
C TYR A 159 -6.08 9.23 3.29
N LEU A 160 -5.26 8.16 3.29
CA LEU A 160 -5.52 6.98 4.07
C LEU A 160 -4.59 7.14 5.26
N ILE A 161 -5.16 7.13 6.48
CA ILE A 161 -4.48 7.33 7.75
C ILE A 161 -4.57 6.09 8.62
N ALA A 162 -3.42 5.52 8.92
CA ALA A 162 -3.36 4.28 9.70
C ALA A 162 -3.76 4.45 11.15
N THR A 163 -4.63 3.56 11.66
CA THR A 163 -5.07 3.58 13.04
C THR A 163 -4.52 2.32 13.75
N ASN A 164 -4.80 2.20 15.07
CA ASN A 164 -4.36 1.06 15.88
C ASN A 164 -5.31 -0.14 15.74
N GLU A 165 -6.40 0.00 14.95
CA GLU A 165 -7.34 -1.08 14.81
C GLU A 165 -6.69 -2.34 14.24
N LEU A 166 -7.03 -3.50 14.85
CA LEU A 166 -6.52 -4.85 14.53
C LEU A 166 -5.10 -5.08 15.05
N LEU A 167 -4.45 -4.07 15.71
CA LEU A 167 -3.10 -4.26 16.22
C LEU A 167 -3.11 -4.76 17.66
N ARG A 168 -2.05 -5.49 18.08
CA ARG A 168 -1.95 -5.99 19.45
C ARG A 168 -1.50 -4.89 20.39
N LYS A 169 -0.62 -3.96 19.91
CA LYS A 169 -0.11 -2.83 20.68
C LYS A 169 -0.28 -1.58 19.82
N PRO A 170 -0.60 -0.43 20.43
CA PRO A 170 -0.77 0.79 19.63
C PRO A 170 0.56 1.32 19.11
N ILE A 171 0.52 2.00 17.95
CA ILE A 171 1.70 2.60 17.32
C ILE A 171 1.50 4.13 17.18
N VAL A 172 0.26 4.63 17.44
CA VAL A 172 -0.02 6.07 17.33
C VAL A 172 -1.07 6.48 18.38
N THR A 173 -1.06 7.76 18.81
CA THR A 173 -2.02 8.28 19.80
C THR A 173 -3.18 8.97 19.09
N GLU A 174 -4.27 9.19 19.82
CA GLU A 174 -5.44 9.88 19.29
C GLU A 174 -5.07 11.28 18.88
N GLU A 175 -4.24 11.97 19.68
CA GLU A 175 -3.81 13.33 19.38
C GLU A 175 -3.08 13.35 18.05
N GLN A 176 -2.19 12.37 17.82
CA GLN A 176 -1.42 12.32 16.58
C GLN A 176 -2.35 12.08 15.40
N ILE A 177 -3.30 11.15 15.53
CA ILE A 177 -4.26 10.87 14.45
C ILE A 177 -5.06 12.17 14.14
N GLU A 178 -5.48 12.91 15.16
CA GLU A 178 -6.24 14.17 14.95
C GLU A 178 -5.42 15.15 14.11
N LYS A 179 -4.11 15.22 14.34
CA LYS A 179 -3.25 16.13 13.57
C LYS A 179 -3.27 15.73 12.09
N LEU A 180 -3.19 14.42 11.80
CA LEU A 180 -3.19 13.91 10.43
C LEU A 180 -4.52 14.20 9.78
N LYS A 181 -5.62 13.91 10.51
CA LYS A 181 -6.96 14.20 10.01
C LYS A 181 -7.08 15.68 9.63
N LYS A 182 -6.51 16.58 10.46
CA LYS A 182 -6.53 18.03 10.21
CA LYS A 182 -6.53 18.03 10.21
C LYS A 182 -5.74 18.37 8.94
N LEU A 183 -4.53 17.79 8.75
CA LEU A 183 -3.76 18.05 7.54
C LEU A 183 -4.65 17.73 6.32
N ALA A 184 -5.39 16.59 6.37
CA ALA A 184 -6.29 16.18 5.30
C ALA A 184 -7.47 17.15 5.12
N THR A 185 -8.26 17.39 6.18
CA THR A 185 -9.41 18.29 6.05
C THR A 185 -8.97 19.76 5.76
N ASP A 186 -7.83 20.24 6.30
CA ASP A 186 -7.37 21.59 6.02
C ASP A 186 -7.07 21.78 4.55
N THR A 187 -6.73 20.68 3.83
CA THR A 187 -6.38 20.78 2.41
C THR A 187 -7.52 20.31 1.49
N GLY A 188 -8.73 20.21 2.06
CA GLY A 188 -9.94 19.79 1.36
C GLY A 188 -9.98 18.32 1.00
N LYS A 189 -9.18 17.48 1.68
CA LYS A 189 -9.16 16.04 1.39
C LYS A 189 -9.96 15.27 2.41
N GLU A 190 -10.60 14.17 1.99
CA GLU A 190 -11.36 13.34 2.90
C GLU A 190 -10.34 12.53 3.72
N ALA A 191 -10.50 12.43 5.04
CA ALA A 191 -9.58 11.60 5.87
C ALA A 191 -10.18 10.16 6.02
N TYR A 192 -9.54 9.13 5.44
CA TYR A 192 -10.05 7.77 5.57
C TYR A 192 -9.21 7.05 6.62
N LEU A 193 -9.76 6.82 7.82
CA LEU A 193 -9.02 6.13 8.89
C LEU A 193 -9.14 4.61 8.76
N LEU A 194 -8.04 3.93 8.45
CA LEU A 194 -8.08 2.47 8.30
C LEU A 194 -7.16 1.75 9.27
N PRO A 195 -7.46 0.47 9.57
CA PRO A 195 -6.52 -0.31 10.39
C PRO A 195 -5.18 -0.23 9.65
N ALA A 196 -4.10 -0.05 10.39
CA ALA A 196 -2.77 0.10 9.80
C ALA A 196 -2.40 -0.95 8.74
N GLU A 197 -2.73 -2.21 8.96
CA GLU A 197 -2.36 -3.24 8.00
C GLU A 197 -3.10 -3.14 6.66
N LEU A 198 -4.25 -2.48 6.64
CA LEU A 198 -5.07 -2.36 5.43
C LEU A 198 -4.74 -1.16 4.58
N VAL A 199 -3.97 -0.17 5.09
CA VAL A 199 -3.63 1.01 4.31
C VAL A 199 -2.93 0.56 3.00
N SER A 200 -1.91 -0.29 3.07
CA SER A 200 -1.23 -0.74 1.84
C SER A 200 -2.17 -1.47 0.79
N PRO A 201 -2.90 -2.55 1.14
CA PRO A 201 -3.76 -3.20 0.12
C PRO A 201 -4.87 -2.30 -0.43
N VAL A 202 -5.28 -1.30 0.35
CA VAL A 202 -6.33 -0.37 -0.12
C VAL A 202 -5.74 0.82 -0.90
N GLY A 203 -4.63 1.40 -0.42
CA GLY A 203 -4.00 2.56 -1.05
C GLY A 203 -3.01 2.39 -2.20
N ASP A 204 -2.17 1.37 -2.12
CA ASP A 204 -1.16 1.05 -3.14
C ASP A 204 -1.78 0.67 -4.49
N MET A 205 -0.90 0.49 -5.47
CA MET A 205 -1.28 0.08 -6.81
C MET A 205 -2.10 -1.21 -6.80
N GLY A 206 -1.93 -2.10 -5.78
CA GLY A 206 -2.73 -3.34 -5.68
C GLY A 206 -4.21 -3.13 -5.45
N ILE A 207 -4.67 -1.88 -5.34
CA ILE A 207 -6.09 -1.63 -5.18
C ILE A 207 -6.82 -2.24 -6.38
N VAL A 208 -6.18 -2.36 -7.55
CA VAL A 208 -6.83 -2.95 -8.71
C VAL A 208 -7.26 -4.39 -8.34
N THR A 209 -6.34 -5.20 -7.80
CA THR A 209 -6.67 -6.57 -7.42
C THR A 209 -7.59 -6.57 -6.21
N THR A 210 -7.35 -5.66 -5.27
CA THR A 210 -8.16 -5.60 -4.06
C THR A 210 -9.65 -5.32 -4.41
N ALA A 211 -9.87 -4.27 -5.19
CA ALA A 211 -11.23 -3.89 -5.58
C ALA A 211 -11.89 -4.90 -6.53
N ILE A 212 -11.18 -5.46 -7.52
CA ILE A 212 -11.80 -6.43 -8.42
C ILE A 212 -12.21 -7.68 -7.61
N ALA A 213 -11.33 -8.21 -6.76
CA ALA A 213 -11.63 -9.40 -5.94
C ALA A 213 -12.78 -9.14 -4.96
N PHE A 214 -12.79 -7.99 -4.36
CA PHE A 214 -13.83 -7.61 -3.40
C PHE A 214 -15.13 -7.50 -4.14
N ALA A 215 -15.16 -6.76 -5.27
CA ALA A 215 -16.38 -6.61 -6.07
C ALA A 215 -16.85 -7.99 -6.57
N GLY A 216 -15.91 -8.85 -6.97
CA GLY A 216 -16.21 -10.21 -7.44
C GLY A 216 -16.84 -11.05 -6.34
N ALA A 217 -16.38 -10.88 -5.09
CA ALA A 217 -16.93 -11.64 -3.94
C ALA A 217 -18.34 -11.17 -3.66
N ILE A 218 -18.61 -9.87 -3.83
CA ILE A 218 -19.97 -9.40 -3.56
C ILE A 218 -20.86 -9.90 -4.71
N GLU A 219 -20.34 -9.91 -5.93
CA GLU A 219 -21.14 -10.41 -7.04
C GLU A 219 -21.50 -11.89 -6.78
N TYR A 220 -20.54 -12.69 -6.33
CA TYR A 220 -20.79 -14.11 -6.05
C TYR A 220 -21.76 -14.25 -4.86
N TYR A 221 -21.66 -13.36 -3.88
CA TYR A 221 -22.58 -13.41 -2.74
C TYR A 221 -24.02 -13.16 -3.24
N LYS A 222 -24.21 -12.15 -4.12
CA LYS A 222 -25.58 -11.87 -4.64
C LYS A 222 -26.14 -13.05 -5.46
N VAL A 223 -25.31 -13.70 -6.30
CA VAL A 223 -25.77 -14.86 -7.08
C VAL A 223 -26.13 -15.98 -6.09
N SER A 224 -25.29 -16.20 -5.07
CA SER A 224 -25.55 -17.25 -4.06
C SER A 224 -26.84 -17.02 -3.26
N ARG A 225 -27.06 -15.79 -2.81
CA ARG A 225 -28.24 -15.39 -2.03
C ARG A 225 -29.52 -15.45 -2.85
N ASP A 226 -29.50 -14.88 -4.06
CA ASP A 226 -30.69 -14.81 -4.91
C ASP A 226 -30.96 -15.93 -5.89
N ILE A 227 -29.93 -16.52 -6.51
CA ILE A 227 -30.18 -17.55 -7.51
C ILE A 227 -29.92 -18.97 -7.01
N LEU A 228 -28.76 -19.26 -6.41
CA LEU A 228 -28.52 -20.62 -5.92
C LEU A 228 -29.34 -20.90 -4.67
N LYS A 229 -29.61 -19.86 -3.87
CA LYS A 229 -30.36 -19.98 -2.61
C LYS A 229 -29.57 -20.91 -1.62
N THR A 230 -28.25 -20.72 -1.59
CA THR A 230 -27.32 -21.48 -0.73
C THR A 230 -27.10 -20.74 0.61
N LYS A 231 -26.48 -21.39 1.60
CA LYS A 231 -26.22 -20.81 2.94
C LYS A 231 -25.09 -19.76 2.96
N ARG A 232 -25.23 -18.73 3.82
CA ARG A 232 -24.21 -17.68 3.97
C ARG A 232 -22.88 -18.30 4.33
N SER A 233 -22.92 -19.26 5.26
CA SER A 233 -21.70 -19.93 5.70
C SER A 233 -20.98 -20.56 4.51
N MET A 234 -21.74 -21.17 3.59
CA MET A 234 -21.14 -21.80 2.42
C MET A 234 -20.57 -20.77 1.51
N THR A 235 -21.29 -19.67 1.31
CA THR A 235 -20.80 -18.58 0.46
C THR A 235 -19.48 -17.98 1.01
N GLU A 236 -19.44 -17.69 2.29
CA GLU A 236 -18.23 -17.08 2.88
C GLU A 236 -17.07 -18.03 2.85
N PHE A 237 -17.31 -19.34 3.02
CA PHE A 237 -16.24 -20.34 2.96
C PHE A 237 -15.65 -20.32 1.53
N GLN A 238 -16.53 -20.34 0.50
CA GLN A 238 -16.10 -20.32 -0.91
C GLN A 238 -15.27 -19.06 -1.22
N ILE A 239 -15.69 -17.89 -0.75
CA ILE A 239 -14.92 -16.64 -0.99
C ILE A 239 -13.53 -16.75 -0.33
N ALA A 240 -13.51 -17.09 0.96
CA ALA A 240 -12.26 -17.21 1.70
C ALA A 240 -11.32 -18.20 1.05
N GLN A 241 -11.82 -19.38 0.69
CA GLN A 241 -11.00 -20.39 0.09
C GLN A 241 -10.43 -19.96 -1.23
N SER A 242 -11.26 -19.41 -2.14
CA SER A 242 -10.78 -19.04 -3.46
C SER A 242 -9.62 -18.07 -3.34
N LEU A 243 -9.81 -17.01 -2.55
CA LEU A 243 -8.79 -15.98 -2.41
C LEU A 243 -7.54 -16.45 -1.67
N GLN A 244 -7.68 -17.29 -0.63
CA GLN A 244 -6.52 -17.82 0.09
C GLN A 244 -5.70 -18.67 -0.90
N VAL A 245 -6.38 -19.53 -1.69
CA VAL A 245 -5.69 -20.38 -2.66
C VAL A 245 -4.89 -19.57 -3.68
N ILE A 246 -5.51 -18.56 -4.30
CA ILE A 246 -4.80 -17.75 -5.29
C ILE A 246 -3.63 -17.07 -4.61
N SER A 247 -3.84 -16.42 -3.46
CA SER A 247 -2.75 -15.73 -2.73
C SER A 247 -1.58 -16.71 -2.42
N SER A 248 -1.90 -17.92 -1.91
CA SER A 248 -0.87 -18.92 -1.55
C SER A 248 -0.05 -19.34 -2.78
N LEU A 249 -0.73 -19.51 -3.91
CA LEU A 249 -0.08 -19.92 -5.16
C LEU A 249 0.89 -18.86 -5.68
N VAL A 250 0.47 -17.61 -5.69
CA VAL A 250 1.32 -16.48 -6.13
C VAL A 250 2.51 -16.35 -5.14
N THR A 251 2.25 -16.40 -3.83
CA THR A 251 3.36 -16.27 -2.85
C THR A 251 4.38 -17.35 -2.97
N LYS A 252 3.93 -18.57 -3.06
CA LYS A 252 4.86 -19.66 -3.12
C LYS A 252 5.44 -19.94 -4.50
N TYR A 253 4.60 -19.91 -5.52
CA TYR A 253 5.05 -20.31 -6.87
C TYR A 253 5.03 -19.23 -7.92
N GLY A 254 4.71 -18.01 -7.57
CA GLY A 254 4.68 -16.91 -8.53
C GLY A 254 3.50 -16.98 -9.47
N LEU A 255 3.37 -16.01 -10.32
CA LEU A 255 2.25 -15.99 -11.28
C LEU A 255 2.29 -17.16 -12.25
N GLU A 256 3.49 -17.61 -12.59
CA GLU A 256 3.62 -18.72 -13.51
C GLU A 256 3.08 -19.98 -12.85
N GLY A 257 3.29 -20.16 -11.56
CA GLY A 257 2.81 -21.32 -10.85
C GLY A 257 1.29 -21.25 -10.73
N LEU A 258 0.77 -20.08 -10.41
CA LEU A 258 -0.66 -19.83 -10.28
C LEU A 258 -1.38 -20.24 -11.55
N ILE A 259 -0.85 -19.81 -12.70
CA ILE A 259 -1.45 -20.11 -13.99
C ILE A 259 -1.39 -21.63 -14.30
N LYS A 260 -0.21 -22.27 -14.12
CA LYS A 260 -0.08 -23.70 -14.40
CA LYS A 260 -0.09 -23.70 -14.40
C LYS A 260 -0.92 -24.56 -13.47
N LEU A 261 -0.92 -24.27 -12.19
CA LEU A 261 -1.68 -25.10 -11.27
C LEU A 261 -3.20 -24.91 -11.32
N LEU A 262 -3.74 -23.70 -11.45
CA LEU A 262 -5.21 -23.58 -11.48
C LEU A 262 -5.83 -24.12 -12.77
N ASN A 263 -5.12 -23.97 -13.90
CA ASN A 263 -5.56 -24.39 -15.23
C ASN A 263 -6.63 -23.42 -15.76
N VAL A 264 -6.22 -22.52 -16.65
CA VAL A 264 -7.11 -21.50 -17.22
C VAL A 264 -8.29 -22.17 -17.97
N ASP A 265 -8.00 -23.19 -18.76
CA ASP A 265 -9.05 -23.90 -19.51
C ASP A 265 -10.11 -24.45 -18.56
N ALA A 266 -9.68 -25.03 -17.43
CA ALA A 266 -10.59 -25.60 -16.44
C ALA A 266 -11.40 -24.50 -15.82
N MET A 267 -10.75 -23.37 -15.43
CA MET A 267 -11.48 -22.30 -14.82
C MET A 267 -12.51 -21.78 -15.80
N LYS A 268 -12.13 -21.55 -17.05
CA LYS A 268 -13.09 -21.04 -18.03
C LYS A 268 -14.31 -21.96 -18.21
N ALA A 269 -14.07 -23.27 -18.28
CA ALA A 269 -15.11 -24.27 -18.46
C ALA A 269 -16.05 -24.27 -17.27
N SER A 270 -15.48 -24.40 -16.06
CA SER A 270 -16.24 -24.41 -14.81
C SER A 270 -17.11 -23.14 -14.66
N LEU A 271 -16.53 -21.97 -14.97
CA LEU A 271 -17.21 -20.66 -14.85
C LEU A 271 -18.46 -20.57 -15.70
N GLN A 272 -18.53 -21.29 -16.81
CA GLN A 272 -19.73 -21.23 -17.66
C GLN A 272 -21.02 -21.58 -16.90
N SER A 273 -20.93 -22.52 -15.95
CA SER A 273 -22.10 -22.96 -15.20
C SER A 273 -22.49 -22.03 -14.07
N MET A 274 -21.73 -20.96 -13.85
CA MET A 274 -22.08 -20.01 -12.80
C MET A 274 -22.54 -18.68 -13.42
N ILE A 275 -22.71 -18.65 -14.77
CA ILE A 275 -23.23 -17.46 -15.46
C ILE A 275 -24.74 -17.73 -15.45
N LEU A 276 -25.40 -17.37 -14.34
CA LEU A 276 -26.84 -17.65 -14.15
C LEU A 276 -27.78 -16.48 -14.43
N ASP A 277 -27.31 -15.21 -14.33
CA ASP A 277 -28.14 -14.04 -14.64
C ASP A 277 -27.21 -12.99 -15.24
N LYS A 278 -27.03 -13.05 -16.56
CA LYS A 278 -26.15 -12.14 -17.28
C LYS A 278 -26.28 -10.69 -16.87
N ASN A 279 -27.52 -10.16 -16.74
CA ASN A 279 -27.70 -8.76 -16.34
C ASN A 279 -27.18 -8.46 -14.94
N GLU A 280 -27.26 -9.41 -14.01
CA GLU A 280 -26.79 -9.18 -12.64
C GLU A 280 -25.38 -9.67 -12.37
N GLN A 281 -24.65 -10.12 -13.40
CA GLN A 281 -23.29 -10.59 -13.20
C GLN A 281 -22.28 -9.91 -14.15
N PRO A 282 -22.12 -8.57 -14.08
CA PRO A 282 -21.14 -7.88 -14.96
C PRO A 282 -19.70 -8.41 -14.88
N LEU A 283 -19.17 -8.58 -13.67
CA LEU A 283 -17.79 -9.07 -13.55
C LEU A 283 -17.64 -10.50 -14.04
N THR A 284 -18.59 -11.41 -13.74
CA THR A 284 -18.42 -12.81 -14.19
C THR A 284 -18.33 -12.82 -15.72
N VAL A 285 -19.28 -12.15 -16.33
CA VAL A 285 -19.31 -12.08 -17.79
C VAL A 285 -18.04 -11.43 -18.36
N THR A 286 -17.59 -10.33 -17.74
CA THR A 286 -16.40 -9.64 -18.21
C THR A 286 -15.18 -10.55 -18.02
N ALA A 287 -15.09 -11.23 -16.87
CA ALA A 287 -13.95 -12.11 -16.61
C ALA A 287 -13.95 -13.29 -17.57
N SER A 288 -15.12 -13.87 -17.82
CA SER A 288 -15.22 -14.98 -18.75
C SER A 288 -14.68 -14.56 -20.10
N LYS A 289 -15.07 -13.37 -20.58
CA LYS A 289 -14.61 -12.87 -21.88
C LYS A 289 -13.07 -12.76 -21.88
N LEU A 290 -12.50 -12.23 -20.81
CA LEU A 290 -11.05 -12.09 -20.72
C LEU A 290 -10.32 -13.44 -20.75
N LEU A 291 -10.87 -14.47 -20.07
CA LEU A 291 -10.21 -15.77 -20.04
C LEU A 291 -10.11 -16.37 -21.42
N GLU A 292 -11.05 -16.02 -22.33
CA GLU A 292 -11.04 -16.55 -23.70
C GLU A 292 -9.79 -16.19 -24.50
N LYS A 293 -9.23 -15.00 -24.32
CA LYS A 293 -8.03 -14.62 -25.08
C LYS A 293 -6.89 -14.33 -24.14
N ILE A 294 -6.95 -14.85 -22.92
CA ILE A 294 -5.92 -14.58 -21.93
C ILE A 294 -4.50 -14.91 -22.40
N GLU A 295 -4.32 -16.01 -23.12
CA GLU A 295 -3.01 -16.44 -23.63
C GLU A 295 -2.35 -15.46 -24.61
N GLU A 296 -3.13 -14.69 -25.37
CA GLU A 296 -2.57 -13.74 -26.33
C GLU A 296 -2.03 -12.49 -25.63
N THR A 297 -2.65 -12.13 -24.49
CA THR A 297 -2.32 -10.95 -23.69
C THR A 297 -1.06 -11.13 -22.82
N ILE A 298 -0.80 -12.36 -22.32
CA ILE A 298 0.36 -12.64 -21.45
C ILE A 298 1.21 -13.82 -21.93
N PRO A 299 1.68 -13.82 -23.19
CA PRO A 299 2.49 -14.95 -23.68
C PRO A 299 3.73 -15.24 -22.85
N GLU A 300 4.36 -14.21 -22.34
CA GLU A 300 5.55 -14.40 -21.52
C GLU A 300 5.24 -15.24 -20.28
N LEU A 301 4.05 -15.06 -19.67
CA LEU A 301 3.67 -15.83 -18.48
C LEU A 301 3.25 -17.24 -18.84
N ILE A 302 2.53 -17.37 -19.97
CA ILE A 302 2.05 -18.66 -20.48
C ILE A 302 3.29 -19.52 -20.75
N LYS A 303 4.39 -18.92 -21.23
CA LYS A 303 5.61 -19.67 -21.51
C LYS A 303 6.27 -20.11 -20.18
N GLU A 304 6.31 -19.24 -19.17
CA GLU A 304 6.89 -19.62 -17.88
C GLU A 304 6.04 -20.77 -17.28
N ALA A 305 4.70 -20.65 -17.36
CA ALA A 305 3.80 -21.68 -16.82
C ALA A 305 4.04 -23.03 -17.46
N GLU A 306 4.34 -23.06 -18.76
CA GLU A 306 4.61 -24.30 -19.46
C GLU A 306 5.92 -24.95 -18.94
N ASN A 307 6.89 -24.16 -18.49
CA ASN A 307 8.14 -24.72 -17.97
C ASN A 307 8.15 -24.81 -16.42
N PHE A 308 6.97 -24.61 -15.77
CA PHE A 308 6.86 -24.62 -14.30
C PHE A 308 6.60 -25.96 -13.71
N SER A 309 7.18 -26.22 -12.54
CA SER A 309 6.95 -27.47 -11.83
C SER A 309 7.01 -27.15 -10.33
N PRO A 310 6.05 -27.57 -9.47
CA PRO A 310 6.15 -27.22 -8.05
C PRO A 310 7.34 -27.95 -7.40
N SER A 311 8.24 -27.22 -6.76
CA SER A 311 9.44 -27.82 -6.11
C SER A 311 9.08 -28.58 -4.85
N GLU A 312 8.12 -28.08 -4.06
CA GLU A 312 7.72 -28.75 -2.85
C GLU A 312 6.22 -28.56 -2.59
N PRO A 313 5.61 -29.49 -1.86
CA PRO A 313 4.16 -29.37 -1.57
C PRO A 313 3.82 -28.29 -0.56
N THR A 314 2.55 -27.88 -0.54
CA THR A 314 2.04 -26.90 0.40
C THR A 314 0.54 -27.01 0.49
N TYR A 315 0.01 -26.35 1.50
CA TYR A 315 -1.41 -26.28 1.81
C TYR A 315 -1.90 -24.91 1.34
N THR A 316 -2.28 -24.81 0.06
CA THR A 316 -2.72 -23.51 -0.47
C THR A 316 -3.94 -22.91 0.20
N SER A 317 -4.85 -23.71 0.72
CA SER A 317 -6.10 -23.23 1.35
C SER A 317 -6.01 -23.04 2.85
N ALA A 318 -4.84 -23.26 3.45
CA ALA A 318 -4.77 -23.09 4.89
C ALA A 318 -5.12 -21.62 5.29
N PRO A 319 -6.17 -21.43 6.11
CA PRO A 319 -6.58 -20.06 6.48
C PRO A 319 -5.60 -19.34 7.40
N SER A 320 -4.94 -18.32 6.86
CA SER A 320 -3.96 -17.53 7.62
CA SER A 320 -3.97 -17.52 7.59
C SER A 320 -4.40 -17.16 9.04
N PRO A 321 -5.57 -16.52 9.27
CA PRO A 321 -5.94 -16.17 10.66
C PRO A 321 -5.96 -17.34 11.63
N MET A 322 -6.29 -18.55 11.17
CA MET A 322 -6.29 -19.75 12.01
C MET A 322 -4.84 -20.15 12.31
N LEU A 323 -3.95 -20.12 11.30
CA LEU A 323 -2.52 -20.45 11.53
C LEU A 323 -1.92 -19.37 12.46
N VAL A 324 -2.33 -18.12 12.29
CA VAL A 324 -1.82 -17.01 13.12
C VAL A 324 -2.20 -17.26 14.60
N GLU A 325 -3.46 -17.63 14.85
CA GLU A 325 -3.92 -17.88 16.22
C GLU A 325 -3.13 -19.01 16.88
N HIS A 326 -2.92 -20.10 16.16
CA HIS A 326 -2.18 -21.26 16.67
C HIS A 326 -0.74 -20.90 16.96
N MET A 327 -0.09 -20.20 16.02
CA MET A 327 1.30 -19.76 16.18
C MET A 327 1.44 -18.85 17.40
N GLU A 328 0.53 -17.86 17.53
CA GLU A 328 0.55 -16.95 18.68
C GLU A 328 0.44 -17.73 20.00
N ASP A 329 -0.41 -18.78 20.04
CA ASP A 329 -0.60 -19.61 21.24
C ASP A 329 0.61 -20.49 21.53
N LEU A 330 1.26 -20.97 20.48
CA LEU A 330 2.42 -21.85 20.58
C LEU A 330 3.76 -21.11 20.86
N VAL A 331 4.05 -20.05 20.12
CA VAL A 331 5.33 -19.36 20.32
C VAL A 331 5.26 -17.90 20.71
N GLY A 332 4.10 -17.26 20.69
CA GLY A 332 4.00 -15.85 21.05
C GLY A 332 4.21 -14.95 19.85
N ASP A 333 3.89 -13.67 20.04
CA ASP A 333 3.93 -12.61 19.03
C ASP A 333 5.26 -12.21 18.47
N ASP A 334 6.24 -12.00 19.35
CA ASP A 334 7.58 -11.59 18.93
C ASP A 334 8.09 -12.62 17.98
N VAL A 335 7.93 -13.90 18.36
CA VAL A 335 8.38 -15.00 17.51
C VAL A 335 7.59 -14.98 16.21
N LEU A 336 6.28 -14.67 16.28
CA LEU A 336 5.45 -14.61 15.07
C LEU A 336 5.78 -13.39 14.20
N LYS A 337 6.14 -12.22 14.82
CA LYS A 337 6.51 -10.99 14.10
C LYS A 337 7.75 -11.19 13.19
N GLY A 338 8.63 -12.11 13.54
CA GLY A 338 9.79 -12.40 12.72
C GLY A 338 9.45 -13.15 11.44
N ILE A 339 8.17 -13.03 10.97
CA ILE A 339 7.62 -13.65 9.75
C ILE A 339 7.06 -12.54 8.82
N LEU A 340 6.31 -11.60 9.37
CA LEU A 340 5.79 -10.48 8.56
C LEU A 340 6.98 -9.64 8.04
N ARG A 341 8.19 -9.76 8.66
CA ARG A 341 9.39 -9.05 8.25
C ARG A 341 9.93 -9.66 6.93
N GLU A 342 10.03 -11.00 6.88
CA GLU A 342 10.53 -11.71 5.70
C GLU A 342 9.59 -11.56 4.45
N SER A 343 8.29 -11.34 4.68
CA SER A 343 7.29 -11.17 3.61
C SER A 343 7.46 -9.85 2.84
N TRP A 344 7.42 -8.73 3.56
CA TRP A 344 7.55 -7.40 2.96
C TRP A 344 8.88 -7.19 2.24
N LYS A 345 9.93 -7.91 2.65
CA LYS A 345 11.24 -7.82 2.02
C LYS A 345 11.14 -8.16 0.53
N LYS A 346 10.25 -9.13 0.18
CA LYS A 346 10.04 -9.54 -1.21
C LYS A 346 9.54 -8.36 -2.07
N PHE A 347 8.84 -7.40 -1.48
CA PHE A 347 8.37 -6.25 -2.23
C PHE A 347 9.63 -5.49 -2.73
N ASN A 350 14.84 -13.00 -2.83
CA ASN A 350 14.34 -14.26 -2.30
C ASN A 350 13.77 -15.13 -3.45
N VAL A 351 12.59 -15.77 -3.26
CA VAL A 351 11.98 -16.63 -4.28
C VAL A 351 11.74 -15.87 -5.60
N SER A 352 11.22 -14.63 -5.53
CA SER A 352 10.99 -13.83 -6.73
C SER A 352 12.32 -13.58 -7.45
N GLU A 353 13.36 -13.13 -6.71
CA GLU A 353 14.70 -12.86 -7.27
C GLU A 353 15.29 -14.07 -7.98
N ARG A 354 15.11 -15.28 -7.42
CA ARG A 354 15.62 -16.52 -7.98
C ARG A 354 14.72 -17.02 -9.13
N ASN A 355 13.71 -16.21 -9.51
CA ASN A 355 12.74 -16.49 -10.58
C ASN A 355 11.92 -17.75 -10.25
N LYS A 356 11.42 -17.84 -9.00
CA LYS A 356 10.62 -18.97 -8.54
C LYS A 356 9.17 -18.56 -8.23
O2 FE9 B . 4.57 6.55 -7.15
FE FE9 B . 2.68 6.79 -4.55
C1F FE9 B . 2.28 8.41 -5.32
O1F FE9 B . 2.03 9.41 -5.78
C2F FE9 B . 0.91 6.61 -4.10
O2F FE9 B . -0.17 6.52 -3.81
C8 FE9 B . 3.13 7.50 -2.84
O18 FE9 B . 2.30 7.77 -2.00
C7 FE9 B . 4.61 7.71 -2.53
C6 FE9 B . 5.34 7.52 -3.83
N1 FE9 B . 4.58 7.08 -4.93
C5 FE9 B . 6.77 7.79 -3.92
C5M FE9 B . 7.53 8.21 -2.70
C4 FE9 B . 7.44 7.59 -5.22
C3 FE9 B . 6.64 7.13 -6.39
C3M FE9 B . 7.24 6.93 -7.75
C2 FE9 B . 5.16 6.89 -6.18
O3P FE9 B . 8.79 7.78 -5.27
P1 FE9 B . 9.49 9.11 -5.86
O1P FE9 B . 8.57 9.80 -6.74
O2P FE9 B . 10.72 8.60 -6.79
O5' FE9 B . 9.92 9.98 -4.60
C5' FE9 B . 11.00 9.61 -3.75
C4' FE9 B . 11.73 10.90 -3.40
O4' FE9 B . 12.70 10.64 -2.39
C1' FE9 B . 13.80 11.50 -2.63
C2' FE9 B . 13.93 11.52 -4.14
O2' FE9 B . 14.67 12.64 -4.65
C3' FE9 B . 12.48 11.51 -4.58
O3' FE9 B . 11.97 12.82 -4.84
N9A FE9 B . 14.98 11.04 -1.86
C4A FE9 B . 15.21 11.46 -0.65
N3A FE9 B . 14.61 12.37 0.14
C2A FE9 B . 15.15 12.63 1.36
N2A FE9 B . 14.50 13.53 2.14
N1A FE9 B . 16.27 12.06 1.82
C6A FE9 B . 16.98 11.18 1.09
O6A FE9 B . 18.00 10.63 1.53
C5A FE9 B . 16.46 10.80 -0.23
N7A FE9 B . 16.83 9.99 -1.23
C8A FE9 B . 15.92 10.14 -2.22
N1 GUE C . -3.09 4.74 -7.40
C2 GUE C . -3.15 4.29 -6.12
N3 GUE C . -2.07 3.91 -5.43
C4 GUE C . -0.84 3.98 -5.91
C6 GUE C . 0.63 5.70 -8.97
C1' GUE C . 6.24 2.52 -9.23
C2' GUE C . 5.23 1.76 -8.64
C3' GUE C . 3.92 2.25 -8.57
C4' GUE C . 3.61 3.53 -9.04
C5' GUE C . 4.64 4.31 -9.60
O4 GUE C . 0.13 3.63 -5.19
C4A GUE C . -0.68 4.50 -7.28
N5 GUE C . 0.49 4.61 -8.02
C7 GUE C . -0.51 5.45 -9.95
N8 GUE C . -1.81 5.36 -9.27
C8A GUE C . -1.90 4.88 -8.00
N2 GUE C . -4.38 4.17 -5.57
C9 GUE C . 1.90 5.25 -9.72
N10 GUE C . 2.32 4.10 -8.91
C6' GUE C . 5.94 3.80 -9.69
C11 GUE C . 7.65 2.01 -9.32
O11 GUE C . 7.89 0.81 -9.21
N GUE C . 8.66 2.88 -9.49
CA GUE C . 10.07 2.49 -9.41
C GUE C . 10.81 3.32 -8.38
OX1 GUE C . 10.41 4.48 -8.10
OX2 GUE C . 11.82 2.82 -7.82
CB GUE C . 10.74 2.57 -10.78
CG GUE C . 9.81 2.99 -11.92
CD GUE C . 10.54 3.18 -13.25
OE1 GUE C . 10.02 2.68 -14.29
OE2 GUE C . 11.61 3.84 -13.27
C1 GUE C . 1.45 3.76 -8.04
C1 GOL D . 3.57 4.64 19.88
O1 GOL D . 4.40 4.42 21.01
C2 GOL D . 2.41 5.56 20.20
O2 GOL D . 2.80 6.92 19.97
C3 GOL D . 1.92 5.40 21.61
O3 GOL D . 1.43 4.09 21.82
C1 GOL E . 14.21 15.20 -8.97
O1 GOL E . 13.09 14.55 -9.54
C2 GOL E . 14.18 15.06 -7.47
O2 GOL E . 13.07 14.25 -7.07
C3 GOL E . 14.10 16.42 -6.81
O3 GOL E . 14.43 16.34 -5.44
C1 EDO F . -9.59 17.77 12.04
O1 EDO F . -10.07 17.39 10.75
C2 EDO F . -8.94 16.55 12.73
O2 EDO F . -8.40 16.87 14.00
NA NA G . -9.94 -17.85 12.30
NA NA H . -13.71 -21.60 -3.36
NA NA I . 7.56 -15.27 -10.14
#